data_5I0Z
#
_entry.id   5I0Z
#
_cell.length_a   58.775
_cell.length_b   85.820
_cell.length_c   50.202
_cell.angle_alpha   90.00
_cell.angle_beta   100.87
_cell.angle_gamma   90.00
#
_symmetry.space_group_name_H-M   'C 1 2 1'
#
loop_
_entity.id
_entity.type
_entity.pdbx_description
1 polymer 'catalytic DNA antibody'
2 water water
#
_entity_poly.entity_id   1
_entity_poly.type   'polypeptide(L)'
_entity_poly.pdbx_seq_one_letter_code
;MKQSTIALALLPLLFTPVTKAREVQLQQSGPELVKPGASVKMSCKASGYTFTSYVMHWVKQKPGQGLEWIGYINPYNDGT
KYNEKFKGKATLTSDKSSSTAYMELSSLTSEDSAVYYCARGAYKRGYAMDYWGQGTSVTVSSR
;
_entity_poly.pdbx_strand_id   A,B
#
# COMPACT_ATOMS: atom_id res chain seq x y z
N GLU A 23 5.61 15.88 6.10
CA GLU A 23 4.57 16.63 6.80
C GLU A 23 3.50 15.68 7.36
N VAL A 24 2.92 14.85 6.49
CA VAL A 24 1.95 13.86 6.91
C VAL A 24 2.55 12.73 7.75
N GLN A 25 1.86 12.35 8.83
CA GLN A 25 2.25 11.16 9.58
C GLN A 25 1.04 10.50 10.21
N LEU A 26 1.09 9.17 10.32
CA LEU A 26 0.07 8.40 11.00
C LEU A 26 0.69 7.67 12.18
N GLN A 27 0.37 8.13 13.38
CA GLN A 27 0.96 7.59 14.61
C GLN A 27 0.07 6.52 15.25
N GLN A 28 0.41 5.26 15.04
CA GLN A 28 -0.31 4.15 15.67
C GLN A 28 0.03 3.84 17.14
N SER A 29 -0.94 3.29 17.85
CA SER A 29 -0.75 2.86 19.24
C SER A 29 0.14 1.62 19.35
N GLY A 30 0.74 1.44 20.52
CA GLY A 30 1.73 0.39 20.72
C GLY A 30 1.12 -1.01 20.72
N PRO A 31 1.99 -2.02 20.60
CA PRO A 31 1.62 -3.43 20.43
C PRO A 31 0.86 -3.97 21.63
N GLU A 32 -0.07 -4.89 21.39
CA GLU A 32 -0.78 -5.53 22.49
C GLU A 32 -0.61 -7.04 22.52
N LEU A 33 -0.42 -7.57 23.73
CA LEU A 33 -0.48 -8.99 23.98
C LEU A 33 -1.80 -9.23 24.71
N VAL A 34 -2.57 -10.22 24.25
CA VAL A 34 -3.89 -10.45 24.83
C VAL A 34 -4.26 -11.93 24.90
N LYS A 35 -5.05 -12.27 25.91
CA LYS A 35 -5.65 -13.60 26.02
C LYS A 35 -6.82 -13.75 25.04
N PRO A 36 -7.09 -14.98 24.60
CA PRO A 36 -8.20 -15.19 23.66
C PRO A 36 -9.54 -14.76 24.26
N GLY A 37 -10.40 -14.22 23.41
CA GLY A 37 -11.71 -13.72 23.81
C GLY A 37 -11.68 -12.26 24.23
N ALA A 38 -10.49 -11.69 24.33
CA ALA A 38 -10.35 -10.27 24.65
C ALA A 38 -10.68 -9.36 23.47
N SER A 39 -11.13 -8.15 23.76
CA SER A 39 -11.20 -7.10 22.74
C SER A 39 -10.02 -6.15 22.87
N VAL A 40 -9.64 -5.51 21.77
CA VAL A 40 -8.63 -4.45 21.83
C VAL A 40 -9.11 -3.25 21.02
N LYS A 41 -8.73 -2.05 21.46
CA LYS A 41 -9.06 -0.84 20.71
C LYS A 41 -7.77 -0.08 20.42
N MET A 42 -7.49 0.12 19.14
CA MET A 42 -6.21 0.71 18.75
C MET A 42 -6.40 2.04 18.01
N SER A 43 -5.42 2.92 18.16
CA SER A 43 -5.52 4.29 17.66
C SER A 43 -4.58 4.61 16.49
N CYS A 44 -4.97 5.58 15.70
CA CYS A 44 -4.21 6.05 14.55
C CYS A 44 -4.34 7.57 14.50
N LYS A 45 -3.34 8.25 15.04
CA LYS A 45 -3.38 9.72 15.13
C LYS A 45 -2.73 10.36 13.90
N ALA A 46 -3.58 10.95 13.04
CA ALA A 46 -3.13 11.66 11.85
C ALA A 46 -2.57 13.06 12.14
N SER A 47 -1.59 13.48 11.34
CA SER A 47 -1.10 14.85 11.43
C SER A 47 -0.47 15.29 10.10
N GLY A 48 -0.35 16.60 9.92
CA GLY A 48 0.22 17.15 8.70
C GLY A 48 -0.75 17.34 7.54
N TYR A 49 -2.03 17.07 7.79
CA TYR A 49 -3.06 17.26 6.77
C TYR A 49 -4.43 17.44 7.41
N THR A 50 -5.40 17.96 6.65
CA THR A 50 -6.77 18.06 7.14
C THR A 50 -7.38 16.68 7.28
N PHE A 51 -7.80 16.34 8.50
CA PHE A 51 -8.26 14.99 8.82
C PHE A 51 -9.54 14.54 8.12
N THR A 52 -10.47 15.47 7.89
CA THR A 52 -11.74 15.10 7.25
C THR A 52 -11.65 15.04 5.73
N SER A 53 -10.55 15.54 5.20
CA SER A 53 -10.31 15.56 3.75
C SER A 53 -10.08 14.17 3.15
N TYR A 54 -9.67 13.21 3.98
CA TYR A 54 -9.29 11.90 3.49
C TYR A 54 -9.88 10.77 4.35
N VAL A 55 -10.27 9.66 3.72
CA VAL A 55 -10.71 8.49 4.48
C VAL A 55 -9.53 7.77 5.09
N MET A 56 -9.78 7.05 6.19
CA MET A 56 -8.76 6.22 6.80
C MET A 56 -9.08 4.74 6.63
N HIS A 57 -8.23 4.06 5.86
CA HIS A 57 -8.24 2.60 5.73
C HIS A 57 -7.59 1.87 6.90
N TRP A 58 -8.01 0.63 7.12
CA TRP A 58 -7.29 -0.29 8.01
C TRP A 58 -6.97 -1.57 7.26
N VAL A 59 -5.81 -2.14 7.55
CA VAL A 59 -5.31 -3.28 6.78
C VAL A 59 -4.65 -4.30 7.72
N LYS A 60 -4.89 -5.58 7.48
CA LYS A 60 -4.31 -6.64 8.29
C LYS A 60 -3.14 -7.32 7.57
N GLN A 61 -2.05 -7.55 8.29
CA GLN A 61 -0.91 -8.27 7.73
C GLN A 61 -0.38 -9.37 8.63
N LYS A 62 -0.73 -10.61 8.28
CA LYS A 62 -0.09 -11.81 8.80
C LYS A 62 1.27 -12.01 8.11
N PRO A 63 2.23 -12.62 8.81
CA PRO A 63 3.53 -12.97 8.22
C PRO A 63 3.39 -13.89 7.01
N GLY A 64 2.39 -14.76 7.04
CA GLY A 64 2.17 -15.76 6.01
C GLY A 64 1.35 -15.32 4.80
N GLN A 65 0.94 -14.05 4.76
CA GLN A 65 -0.01 -13.60 3.74
C GLN A 65 0.22 -12.17 3.23
N GLY A 66 -0.51 -11.81 2.18
CA GLY A 66 -0.47 -10.46 1.66
C GLY A 66 -1.36 -9.53 2.47
N LEU A 67 -1.29 -8.25 2.17
CA LEU A 67 -2.09 -7.25 2.85
C LEU A 67 -3.58 -7.47 2.60
N GLU A 68 -4.37 -7.35 3.67
CA GLU A 68 -5.80 -7.57 3.58
C GLU A 68 -6.57 -6.36 4.07
N TRP A 69 -7.33 -5.73 3.17
CA TRP A 69 -8.15 -4.59 3.54
C TRP A 69 -9.25 -5.00 4.51
N ILE A 70 -9.45 -4.20 5.56
CA ILE A 70 -10.44 -4.50 6.57
C ILE A 70 -11.65 -3.61 6.36
N GLY A 71 -11.38 -2.35 6.05
CA GLY A 71 -12.43 -1.36 5.85
C GLY A 71 -11.87 0.04 5.95
N TYR A 72 -12.73 1.03 5.72
CA TYR A 72 -12.33 2.42 5.93
C TYR A 72 -13.45 3.23 6.57
N ILE A 73 -13.07 4.27 7.28
CA ILE A 73 -14.04 5.25 7.76
C ILE A 73 -13.75 6.60 7.13
N ASN A 74 -14.82 7.34 6.81
CA ASN A 74 -14.68 8.70 6.34
C ASN A 74 -15.02 9.62 7.50
N PRO A 75 -14.02 10.37 8.00
CA PRO A 75 -14.19 11.27 9.14
C PRO A 75 -15.23 12.37 8.92
N TYR A 76 -15.38 12.82 7.69
CA TYR A 76 -16.26 13.94 7.36
C TYR A 76 -17.74 13.65 7.60
N ASN A 77 -18.14 12.38 7.49
CA ASN A 77 -19.54 12.01 7.66
C ASN A 77 -19.70 10.71 8.46
N ASP A 78 -18.59 10.22 9.00
CA ASP A 78 -18.54 8.97 9.75
C ASP A 78 -19.04 7.78 8.92
N GLY A 79 -18.99 7.91 7.60
CA GLY A 79 -19.35 6.82 6.71
C GLY A 79 -18.33 5.70 6.78
N THR A 80 -18.81 4.48 6.99
CA THR A 80 -17.92 3.33 7.02
C THR A 80 -18.15 2.39 5.85
N LYS A 81 -17.11 1.66 5.45
CA LYS A 81 -17.31 0.56 4.52
C LYS A 81 -16.39 -0.57 4.97
N TYR A 82 -16.91 -1.79 4.95
CA TYR A 82 -16.18 -2.92 5.53
C TYR A 82 -15.98 -4.04 4.52
N ASN A 83 -14.85 -4.73 4.67
CA ASN A 83 -14.68 -6.02 4.04
C ASN A 83 -15.73 -6.91 4.69
N GLU A 84 -16.34 -7.78 3.89
CA GLU A 84 -17.49 -8.54 4.39
C GLU A 84 -17.12 -9.47 5.53
N LYS A 85 -15.91 -10.02 5.49
CA LYS A 85 -15.48 -10.92 6.55
C LYS A 85 -15.24 -10.22 7.90
N PHE A 86 -14.90 -8.94 7.85
CA PHE A 86 -14.65 -8.18 9.08
C PHE A 86 -15.84 -7.54 9.78
N LYS A 87 -17.01 -7.52 9.14
CA LYS A 87 -18.18 -6.94 9.82
C LYS A 87 -18.52 -7.78 11.04
N GLY A 88 -18.78 -7.12 12.16
CA GLY A 88 -19.09 -7.79 13.41
C GLY A 88 -17.83 -8.20 14.15
N LYS A 89 -16.68 -7.92 13.54
CA LYS A 89 -15.39 -8.25 14.10
C LYS A 89 -14.64 -6.94 14.37
N ALA A 90 -14.26 -6.27 13.30
CA ALA A 90 -13.75 -4.90 13.39
C ALA A 90 -14.86 -3.84 13.56
N THR A 91 -14.52 -2.76 14.24
CA THR A 91 -15.40 -1.60 14.38
C THR A 91 -14.56 -0.36 14.21
N LEU A 92 -14.83 0.40 13.15
CA LEU A 92 -14.07 1.60 12.87
C LEU A 92 -14.80 2.85 13.35
N THR A 93 -14.06 3.74 13.99
CA THR A 93 -14.63 5.00 14.49
C THR A 93 -13.59 6.08 14.30
N SER A 94 -14.01 7.34 14.42
CA SER A 94 -13.06 8.44 14.31
C SER A 94 -13.47 9.63 15.17
N ASP A 95 -12.45 10.36 15.64
CA ASP A 95 -12.64 11.55 16.44
C ASP A 95 -11.95 12.72 15.71
N LYS A 96 -12.77 13.55 15.07
CA LYS A 96 -12.28 14.67 14.27
C LYS A 96 -11.53 15.71 15.09
N SER A 97 -11.97 15.93 16.33
CA SER A 97 -11.34 16.95 17.17
C SER A 97 -9.91 16.59 17.56
N SER A 98 -9.63 15.28 17.64
CA SER A 98 -8.29 14.82 17.97
C SER A 98 -7.55 14.24 16.77
N SER A 99 -8.16 14.34 15.59
CA SER A 99 -7.59 13.79 14.36
C SER A 99 -7.20 12.32 14.53
N THR A 100 -8.07 11.53 15.16
CA THR A 100 -7.69 10.16 15.52
C THR A 100 -8.69 9.09 15.05
N ALA A 101 -8.25 8.20 14.17
CA ALA A 101 -9.01 6.99 13.84
C ALA A 101 -8.86 5.89 14.89
N TYR A 102 -9.90 5.09 15.08
CA TYR A 102 -9.83 3.96 16.00
C TYR A 102 -10.35 2.69 15.34
N MET A 103 -9.73 1.56 15.67
CA MET A 103 -10.29 0.27 15.31
C MET A 103 -10.39 -0.66 16.51
N GLU A 104 -11.59 -1.12 16.80
CA GLU A 104 -11.77 -2.13 17.83
C GLU A 104 -11.95 -3.52 17.22
N LEU A 105 -11.21 -4.49 17.75
CA LEU A 105 -11.36 -5.88 17.35
C LEU A 105 -11.88 -6.68 18.54
N SER A 106 -12.97 -7.41 18.34
CA SER A 106 -13.58 -8.19 19.42
C SER A 106 -13.36 -9.70 19.31
N SER A 107 -13.46 -10.39 20.44
CA SER A 107 -13.40 -11.85 20.49
C SER A 107 -12.17 -12.41 19.80
N LEU A 108 -11.01 -11.88 20.16
CA LEU A 108 -9.78 -12.21 19.46
C LEU A 108 -9.38 -13.67 19.57
N THR A 109 -8.87 -14.19 18.46
CA THR A 109 -8.38 -15.55 18.40
C THR A 109 -6.99 -15.52 17.80
N SER A 110 -6.38 -16.68 17.67
CA SER A 110 -5.04 -16.79 17.10
C SER A 110 -4.98 -16.33 15.65
N GLU A 111 -6.09 -16.47 14.93
CA GLU A 111 -6.16 -16.02 13.54
C GLU A 111 -6.01 -14.50 13.46
N ASP A 112 -6.40 -13.81 14.52
CA ASP A 112 -6.31 -12.36 14.58
C ASP A 112 -4.90 -11.82 14.85
N SER A 113 -4.00 -12.70 15.28
N SER A 113 -4.00 -12.69 15.28
CA SER A 113 -2.62 -12.28 15.51
CA SER A 113 -2.62 -12.28 15.53
C SER A 113 -2.01 -11.81 14.20
C SER A 113 -2.00 -11.81 14.21
N ALA A 114 -1.67 -10.52 14.16
CA ALA A 114 -1.18 -9.89 12.92
C ALA A 114 -0.66 -8.51 13.26
N VAL A 115 0.01 -7.87 12.30
CA VAL A 115 0.24 -6.43 12.41
C VAL A 115 -0.90 -5.67 11.72
N TYR A 116 -1.45 -4.66 12.39
CA TYR A 116 -2.56 -3.88 11.82
C TYR A 116 -2.12 -2.46 11.48
N TYR A 117 -2.39 -2.03 10.25
CA TYR A 117 -1.99 -0.69 9.81
C TYR A 117 -3.20 0.22 9.52
N CYS A 118 -3.10 1.49 9.89
CA CYS A 118 -3.98 2.48 9.28
C CYS A 118 -3.28 3.02 8.05
N ALA A 119 -4.06 3.41 7.05
CA ALA A 119 -3.47 3.92 5.81
C ALA A 119 -4.40 4.94 5.20
N ARG A 120 -3.91 6.16 4.99
CA ARG A 120 -4.75 7.21 4.44
C ARG A 120 -5.18 6.88 3.02
N GLY A 121 -6.46 7.09 2.73
CA GLY A 121 -6.97 6.93 1.37
C GLY A 121 -6.45 8.03 0.46
N ALA A 122 -5.83 7.64 -0.64
CA ALA A 122 -5.42 8.60 -1.64
C ALA A 122 -6.56 8.83 -2.61
N TYR A 123 -7.56 9.61 -2.22
CA TYR A 123 -8.62 9.99 -3.15
C TYR A 123 -8.29 11.26 -3.92
N LYS A 124 -8.53 11.26 -5.22
CA LYS A 124 -8.77 10.04 -5.99
C LYS A 124 -7.40 9.37 -6.10
N ARG A 125 -7.32 8.04 -6.22
CA ARG A 125 -8.41 7.20 -6.69
C ARG A 125 -8.45 5.83 -6.00
N GLY A 126 -9.65 5.25 -5.93
CA GLY A 126 -9.80 3.86 -5.53
C GLY A 126 -9.40 3.55 -4.10
N TYR A 127 -8.94 2.32 -3.90
CA TYR A 127 -8.47 1.85 -2.60
C TYR A 127 -7.00 2.17 -2.36
N ALA A 128 -6.39 2.94 -3.25
CA ALA A 128 -4.98 3.27 -3.14
C ALA A 128 -4.69 4.03 -1.84
N MET A 129 -3.54 3.74 -1.24
N MET A 129 -3.54 3.74 -1.24
CA MET A 129 -3.19 4.28 0.08
CA MET A 129 -3.20 4.28 0.08
C MET A 129 -1.83 4.96 0.06
C MET A 129 -1.83 4.95 0.07
N ASP A 130 -1.83 6.29 -0.01
CA ASP A 130 -0.58 7.06 -0.05
C ASP A 130 0.28 7.15 1.22
N TYR A 131 -0.34 7.03 2.40
CA TYR A 131 0.43 7.12 3.65
C TYR A 131 0.05 5.98 4.60
N TRP A 132 1.02 5.50 5.37
CA TRP A 132 0.81 4.35 6.23
C TRP A 132 1.33 4.64 7.64
N GLY A 133 0.64 4.08 8.64
CA GLY A 133 1.14 4.10 10.00
C GLY A 133 2.23 3.06 10.16
N GLN A 134 2.93 3.11 11.28
CA GLN A 134 4.04 2.19 11.52
C GLN A 134 3.54 0.80 11.87
N GLY A 135 2.26 0.72 12.19
CA GLY A 135 1.62 -0.56 12.47
C GLY A 135 1.54 -0.90 13.94
N THR A 136 0.57 -1.74 14.25
CA THR A 136 0.24 -2.08 15.62
C THR A 136 0.17 -3.59 15.70
N SER A 137 1.17 -4.19 16.32
CA SER A 137 1.21 -5.65 16.42
C SER A 137 0.26 -6.15 17.51
N VAL A 138 -0.64 -7.04 17.13
CA VAL A 138 -1.51 -7.69 18.12
C VAL A 138 -1.11 -9.14 18.22
N THR A 139 -0.86 -9.60 19.44
CA THR A 139 -0.52 -11.00 19.67
C THR A 139 -1.51 -11.65 20.64
N VAL A 140 -2.13 -12.73 20.20
CA VAL A 140 -3.00 -13.51 21.08
C VAL A 140 -2.25 -14.73 21.62
N SER A 141 -2.25 -14.89 22.94
CA SER A 141 -1.49 -15.95 23.58
C SER A 141 -2.07 -16.23 24.98
N SER A 142 -2.01 -17.48 25.43
CA SER A 142 -1.48 -18.59 24.64
C SER A 142 -2.57 -19.24 23.79
N GLU B 23 3.03 -17.93 -0.94
CA GLU B 23 4.39 -17.87 -1.45
C GLU B 23 4.51 -16.91 -2.64
N VAL B 24 3.62 -15.92 -2.67
CA VAL B 24 3.70 -14.87 -3.68
C VAL B 24 5.01 -14.12 -3.46
N GLN B 25 5.72 -13.84 -4.55
CA GLN B 25 6.97 -13.11 -4.45
C GLN B 25 7.15 -12.16 -5.63
N LEU B 26 7.65 -10.97 -5.35
CA LEU B 26 7.96 -10.00 -6.38
C LEU B 26 9.40 -9.56 -6.19
N GLN B 27 10.27 -9.95 -7.12
CA GLN B 27 11.69 -9.63 -7.00
C GLN B 27 12.11 -8.52 -7.96
N GLN B 28 12.53 -7.38 -7.41
CA GLN B 28 12.97 -6.25 -8.22
C GLN B 28 14.46 -6.21 -8.55
N SER B 29 14.78 -5.54 -9.65
CA SER B 29 16.16 -5.32 -10.07
C SER B 29 16.85 -4.36 -9.11
N GLY B 30 18.17 -4.40 -9.04
CA GLY B 30 18.90 -3.66 -8.04
C GLY B 30 19.03 -2.17 -8.31
N PRO B 31 19.60 -1.43 -7.35
CA PRO B 31 19.70 0.03 -7.36
C PRO B 31 20.55 0.53 -8.53
N GLU B 32 20.18 1.70 -9.04
CA GLU B 32 20.96 2.29 -10.12
C GLU B 32 21.30 3.75 -9.81
N LEU B 33 22.52 4.14 -10.19
CA LEU B 33 22.94 5.53 -10.13
C LEU B 33 23.10 6.05 -11.54
N VAL B 34 22.42 7.15 -11.86
CA VAL B 34 22.44 7.66 -13.23
C VAL B 34 22.55 9.18 -13.31
N LYS B 35 23.13 9.65 -14.41
CA LYS B 35 23.27 11.08 -14.68
C LYS B 35 21.93 11.68 -15.11
N PRO B 36 21.72 12.97 -14.87
CA PRO B 36 20.46 13.57 -15.30
C PRO B 36 20.29 13.47 -16.81
N GLY B 37 19.06 13.26 -17.25
CA GLY B 37 18.71 13.10 -18.65
C GLY B 37 18.84 11.67 -19.15
N ALA B 38 19.36 10.79 -18.29
CA ALA B 38 19.44 9.35 -18.58
C ALA B 38 18.09 8.67 -18.45
N SER B 39 17.92 7.55 -19.15
CA SER B 39 16.80 6.63 -18.93
C SER B 39 17.22 5.42 -18.09
N VAL B 40 16.28 4.83 -17.37
CA VAL B 40 16.55 3.58 -16.65
C VAL B 40 15.39 2.61 -16.84
N LYS B 41 15.70 1.33 -17.04
CA LYS B 41 14.66 0.32 -17.17
C LYS B 41 14.81 -0.72 -16.07
N MET B 42 13.77 -0.84 -15.25
CA MET B 42 13.82 -1.75 -14.11
C MET B 42 12.82 -2.89 -14.24
N SER B 43 13.13 -4.00 -13.58
CA SER B 43 12.33 -5.21 -13.69
C SER B 43 11.70 -5.64 -12.37
N CYS B 44 10.63 -6.42 -12.47
CA CYS B 44 9.90 -6.94 -11.32
C CYS B 44 9.41 -8.35 -11.67
N LYS B 45 10.17 -9.35 -11.24
CA LYS B 45 9.87 -10.74 -11.55
C LYS B 45 8.89 -11.34 -10.54
N ALA B 46 7.67 -11.60 -11.00
CA ALA B 46 6.64 -12.25 -10.20
C ALA B 46 6.78 -13.78 -10.09
N SER B 47 6.33 -14.32 -8.97
CA SER B 47 6.29 -15.78 -8.78
C SER B 47 5.28 -16.16 -7.71
N GLY B 48 4.88 -17.43 -7.70
CA GLY B 48 3.96 -17.94 -6.70
C GLY B 48 2.49 -17.73 -7.04
N TYR B 49 2.23 -17.17 -8.22
CA TYR B 49 0.86 -17.00 -8.69
C TYR B 49 0.86 -16.90 -10.21
N THR B 50 -0.30 -17.06 -10.84
CA THR B 50 -0.36 -16.89 -12.28
C THR B 50 -0.29 -15.40 -12.65
N PHE B 51 0.71 -15.05 -13.43
CA PHE B 51 1.07 -13.67 -13.69
C PHE B 51 -0.03 -12.88 -14.40
N THR B 52 -0.80 -13.57 -15.25
CA THR B 52 -1.86 -12.93 -16.03
C THR B 52 -3.17 -12.72 -15.27
N SER B 53 -3.28 -13.32 -14.09
CA SER B 53 -4.51 -13.20 -13.30
C SER B 53 -4.60 -11.90 -12.50
N TYR B 54 -3.52 -11.13 -12.45
CA TYR B 54 -3.48 -9.91 -11.64
C TYR B 54 -2.77 -8.76 -12.35
N VAL B 55 -3.22 -7.54 -12.12
CA VAL B 55 -2.49 -6.37 -12.60
C VAL B 55 -1.25 -6.11 -11.75
N MET B 56 -0.22 -5.52 -12.37
CA MET B 56 0.96 -5.08 -11.64
C MET B 56 1.01 -3.56 -11.60
N HIS B 57 0.85 -3.02 -10.39
CA HIS B 57 1.05 -1.60 -10.12
C HIS B 57 2.52 -1.22 -10.03
N TRP B 58 2.80 0.05 -10.34
CA TRP B 58 4.08 0.68 -10.07
C TRP B 58 3.80 1.99 -9.33
N VAL B 59 4.62 2.23 -8.31
CA VAL B 59 4.40 3.29 -7.33
C VAL B 59 5.73 3.98 -6.98
N LYS B 60 5.69 5.30 -6.79
CA LYS B 60 6.88 6.06 -6.46
C LYS B 60 6.91 6.46 -4.99
N GLN B 61 8.05 6.25 -4.34
CA GLN B 61 8.23 6.70 -2.96
C GLN B 61 9.46 7.59 -2.84
N LYS B 62 9.24 8.81 -2.38
CA LYS B 62 10.32 9.75 -2.22
C LYS B 62 10.27 10.18 -0.76
N PRO B 63 11.43 10.47 -0.17
CA PRO B 63 11.42 10.80 1.26
C PRO B 63 10.61 12.06 1.53
N GLY B 64 9.91 12.11 2.66
CA GLY B 64 9.13 13.29 2.96
C GLY B 64 7.85 13.31 2.17
N GLN B 65 7.49 12.18 1.58
CA GLN B 65 6.33 12.11 0.69
C GLN B 65 5.65 10.75 0.73
N GLY B 66 4.38 10.72 0.36
CA GLY B 66 3.63 9.47 0.33
C GLY B 66 3.87 8.70 -0.94
N LEU B 67 3.33 7.48 -0.99
CA LEU B 67 3.42 6.68 -2.20
C LEU B 67 2.65 7.35 -3.33
N GLU B 68 3.27 7.38 -4.51
CA GLU B 68 2.61 7.96 -5.67
C GLU B 68 2.41 6.90 -6.74
N TRP B 69 1.15 6.63 -7.05
CA TRP B 69 0.83 5.59 -8.03
C TRP B 69 1.30 6.05 -9.40
N ILE B 70 2.21 5.29 -9.99
CA ILE B 70 2.71 5.60 -11.33
C ILE B 70 1.77 5.02 -12.36
N GLY B 71 1.33 3.79 -12.13
CA GLY B 71 0.46 3.16 -13.12
C GLY B 71 0.28 1.68 -12.90
N TYR B 72 -0.39 1.00 -13.82
CA TYR B 72 -0.47 -0.44 -13.75
C TYR B 72 -0.54 -1.07 -15.14
N ILE B 73 -0.14 -2.33 -15.22
CA ILE B 73 -0.29 -3.07 -16.45
C ILE B 73 -1.11 -4.33 -16.18
N ASN B 74 -1.94 -4.70 -17.15
CA ASN B 74 -2.67 -5.95 -17.05
C ASN B 74 -2.13 -6.86 -18.13
N PRO B 75 -1.31 -7.85 -17.72
CA PRO B 75 -0.64 -8.77 -18.63
C PRO B 75 -1.64 -9.57 -19.48
N TYR B 76 -2.82 -9.85 -18.92
CA TYR B 76 -3.80 -10.69 -19.61
C TYR B 76 -4.31 -10.09 -20.92
N ASN B 77 -4.35 -8.77 -21.03
CA ASN B 77 -4.78 -8.11 -22.26
C ASN B 77 -3.82 -7.03 -22.73
N ASP B 78 -2.65 -6.97 -22.07
CA ASP B 78 -1.61 -5.99 -22.36
C ASP B 78 -2.12 -4.56 -22.22
N GLY B 79 -3.16 -4.37 -21.42
CA GLY B 79 -3.64 -3.04 -21.13
C GLY B 79 -2.71 -2.37 -20.15
N THR B 80 -2.69 -1.04 -20.18
CA THR B 80 -1.89 -0.26 -19.24
C THR B 80 -2.66 1.00 -18.91
N LYS B 81 -2.51 1.47 -17.68
CA LYS B 81 -3.15 2.72 -17.29
C LYS B 81 -2.17 3.54 -16.46
N TYR B 82 -2.15 4.84 -16.70
CA TYR B 82 -1.14 5.70 -16.09
C TYR B 82 -1.74 6.82 -15.25
N ASN B 83 -1.00 7.24 -14.24
CA ASN B 83 -1.21 8.55 -13.65
C ASN B 83 -0.90 9.52 -14.77
N GLU B 84 -1.69 10.58 -14.89
CA GLU B 84 -1.49 11.54 -15.98
C GLU B 84 -0.15 12.26 -15.85
N LYS B 85 0.30 12.41 -14.61
CA LYS B 85 1.59 13.03 -14.33
C LYS B 85 2.74 12.21 -14.91
N PHE B 86 2.56 10.89 -14.96
CA PHE B 86 3.63 10.00 -15.40
C PHE B 86 3.55 9.55 -16.85
N LYS B 87 2.42 9.79 -17.51
CA LYS B 87 2.32 9.39 -18.91
C LYS B 87 3.36 10.18 -19.69
N GLY B 88 4.11 9.48 -20.54
CA GLY B 88 5.19 10.08 -21.31
C GLY B 88 6.51 10.13 -20.54
N LYS B 89 6.49 9.70 -19.29
CA LYS B 89 7.73 9.58 -18.51
C LYS B 89 7.99 8.11 -18.14
N ALA B 90 6.94 7.40 -17.75
CA ALA B 90 7.07 5.97 -17.48
C ALA B 90 6.46 5.14 -18.61
N THR B 91 7.14 4.05 -18.96
CA THR B 91 6.62 3.09 -19.92
C THR B 91 6.58 1.70 -19.28
N LEU B 92 5.38 1.15 -19.15
CA LEU B 92 5.19 -0.16 -18.56
C LEU B 92 5.07 -1.24 -19.63
N THR B 93 5.77 -2.35 -19.43
CA THR B 93 5.70 -3.48 -20.35
C THR B 93 5.76 -4.77 -19.55
N SER B 94 5.67 -5.90 -20.25
CA SER B 94 5.82 -7.19 -19.59
C SER B 94 6.38 -8.28 -20.52
N ASP B 95 6.92 -9.32 -19.89
CA ASP B 95 7.37 -10.54 -20.55
C ASP B 95 6.60 -11.65 -19.88
N LYS B 96 5.57 -12.15 -20.55
CA LYS B 96 4.76 -13.23 -20.01
C LYS B 96 5.49 -14.57 -19.90
N SER B 97 6.47 -14.80 -20.76
CA SER B 97 7.23 -16.04 -20.71
C SER B 97 8.03 -16.17 -19.43
N SER B 98 8.50 -15.04 -18.91
CA SER B 98 9.29 -15.02 -17.69
C SER B 98 8.54 -14.45 -16.47
N SER B 99 7.25 -14.13 -16.66
CA SER B 99 6.43 -13.53 -15.61
C SER B 99 7.08 -12.28 -15.03
N THR B 100 7.60 -11.42 -15.91
CA THR B 100 8.32 -10.23 -15.45
C THR B 100 7.63 -8.95 -15.92
N ALA B 101 7.46 -7.99 -15.02
CA ALA B 101 6.98 -6.66 -15.40
C ALA B 101 8.16 -5.69 -15.55
N TYR B 102 8.05 -4.73 -16.46
CA TYR B 102 9.12 -3.77 -16.66
C TYR B 102 8.60 -2.34 -16.61
N MET B 103 9.45 -1.43 -16.11
CA MET B 103 9.16 0.00 -16.17
C MET B 103 10.39 0.79 -16.61
N GLU B 104 10.26 1.53 -17.71
CA GLU B 104 11.30 2.46 -18.12
C GLU B 104 10.95 3.90 -17.74
N LEU B 105 11.90 4.60 -17.14
CA LEU B 105 11.78 6.03 -16.86
C LEU B 105 12.71 6.79 -17.77
N SER B 106 12.21 7.85 -18.39
CA SER B 106 13.01 8.63 -19.33
C SER B 106 13.33 10.02 -18.80
N SER B 107 14.44 10.59 -19.28
CA SER B 107 14.81 11.97 -18.97
C SER B 107 14.84 12.28 -17.48
N LEU B 108 15.58 11.48 -16.73
CA LEU B 108 15.58 11.61 -15.27
C LEU B 108 16.13 12.95 -14.76
N THR B 109 15.49 13.46 -13.70
CA THR B 109 15.90 14.69 -13.04
C THR B 109 16.03 14.41 -11.55
N SER B 110 16.34 15.45 -10.77
CA SER B 110 16.50 15.31 -9.33
C SER B 110 15.20 14.86 -8.66
N GLU B 111 14.08 15.30 -9.23
CA GLU B 111 12.78 14.94 -8.70
C GLU B 111 12.50 13.45 -8.88
N ASP B 112 13.20 12.84 -9.83
CA ASP B 112 13.02 11.42 -10.12
C ASP B 112 13.75 10.50 -9.13
N SER B 113 14.61 11.07 -8.30
N SER B 113 14.61 11.07 -8.30
CA SER B 113 15.32 10.28 -7.30
CA SER B 113 15.33 10.27 -7.30
C SER B 113 14.34 9.77 -6.24
C SER B 113 14.35 9.78 -6.24
N ALA B 114 14.13 8.46 -6.23
CA ALA B 114 13.15 7.85 -5.35
C ALA B 114 13.30 6.33 -5.35
N VAL B 115 12.69 5.67 -4.39
CA VAL B 115 12.54 4.22 -4.46
C VAL B 115 11.27 3.89 -5.24
N TYR B 116 11.39 3.02 -6.24
CA TYR B 116 10.23 2.63 -7.06
C TYR B 116 9.81 1.20 -6.77
N TYR B 117 8.51 1.00 -6.57
CA TYR B 117 7.97 -0.31 -6.21
C TYR B 117 7.04 -0.88 -7.29
N CYS B 118 7.14 -2.17 -7.54
CA CYS B 118 6.03 -2.90 -8.14
C CYS B 118 5.16 -3.45 -7.02
N ALA B 119 3.86 -3.57 -7.26
CA ALA B 119 2.96 -4.14 -6.26
C ALA B 119 1.80 -4.85 -6.95
N ARG B 120 1.51 -6.08 -6.53
CA ARG B 120 0.41 -6.79 -7.14
C ARG B 120 -0.91 -6.10 -6.80
N GLY B 121 -1.78 -5.96 -7.79
CA GLY B 121 -3.13 -5.49 -7.54
C GLY B 121 -3.92 -6.53 -6.78
N ALA B 122 -4.58 -6.11 -5.70
CA ALA B 122 -5.46 -6.98 -4.95
C ALA B 122 -6.73 -7.34 -5.73
N TYR B 123 -7.15 -8.59 -5.59
CA TYR B 123 -8.39 -9.06 -6.21
C TYR B 123 -9.59 -8.31 -5.63
N LYS B 124 -10.54 -7.96 -6.50
CA LYS B 124 -11.82 -7.38 -6.07
C LYS B 124 -11.67 -6.11 -5.22
N ARG B 125 -10.61 -5.36 -5.47
CA ARG B 125 -10.33 -4.14 -4.71
C ARG B 125 -9.39 -3.24 -5.51
N GLY B 126 -9.97 -2.34 -6.31
CA GLY B 126 -9.19 -1.55 -7.24
C GLY B 126 -8.16 -0.65 -6.57
N TYR B 127 -6.95 -0.67 -7.12
CA TYR B 127 -5.82 0.12 -6.63
C TYR B 127 -5.26 -0.31 -5.27
N ALA B 128 -5.99 -1.16 -4.55
CA ALA B 128 -5.44 -1.79 -3.35
C ALA B 128 -4.31 -2.71 -3.79
N MET B 129 -3.27 -2.80 -2.98
CA MET B 129 -2.07 -3.53 -3.40
C MET B 129 -1.71 -4.72 -2.49
N ASP B 130 -1.82 -5.91 -3.07
CA ASP B 130 -1.74 -7.20 -2.39
C ASP B 130 -0.39 -7.46 -1.73
N TYR B 131 0.66 -7.28 -2.53
CA TYR B 131 1.99 -7.74 -2.20
C TYR B 131 2.92 -6.74 -2.85
N TRP B 132 4.14 -6.64 -2.33
CA TRP B 132 5.05 -5.60 -2.76
C TRP B 132 6.44 -6.16 -3.03
N GLY B 133 7.14 -5.56 -3.98
CA GLY B 133 8.54 -5.85 -4.19
C GLY B 133 9.35 -5.07 -3.17
N GLN B 134 10.66 -5.33 -3.11
CA GLN B 134 11.54 -4.66 -2.16
C GLN B 134 11.86 -3.24 -2.63
N GLY B 135 11.54 -2.95 -3.88
CA GLY B 135 11.79 -1.64 -4.44
C GLY B 135 13.14 -1.53 -5.11
N THR B 136 13.27 -0.53 -5.97
CA THR B 136 14.51 -0.26 -6.68
C THR B 136 14.80 1.21 -6.48
N SER B 137 15.89 1.51 -5.78
CA SER B 137 16.27 2.89 -5.53
C SER B 137 17.02 3.46 -6.73
N VAL B 138 16.45 4.51 -7.32
CA VAL B 138 17.14 5.24 -8.38
C VAL B 138 17.69 6.54 -7.83
N THR B 139 18.97 6.81 -8.06
CA THR B 139 19.58 8.05 -7.62
C THR B 139 20.07 8.84 -8.82
N VAL B 140 19.63 10.08 -8.94
CA VAL B 140 20.08 10.93 -10.04
C VAL B 140 21.09 11.97 -9.57
N SER B 141 22.26 11.97 -10.20
CA SER B 141 23.29 12.97 -9.93
C SER B 141 24.26 13.04 -11.10
N SER B 142 24.89 14.20 -11.31
CA SER B 142 25.85 14.36 -12.40
C SER B 142 27.23 13.86 -12.01
#